data_4UZD
#
_entry.id   4UZD
#
_cell.length_a   90.450
_cell.length_b   90.450
_cell.length_c   206.880
_cell.angle_alpha   90.00
_cell.angle_beta   90.00
_cell.angle_gamma   120.00
#
_symmetry.space_group_name_H-M   'P 31 2 1'
#
loop_
_entity.id
_entity.type
_entity.pdbx_description
1 polymer 'AURORA KINASE A'
2 non-polymer 'ethyl (9S)-9-[3-(1H-benzimidazol-2-yloxy)phenyl]-8-oxo-4,5,6,7,8,9-hexahydro-2H-pyrrolo[3,4-b]quinoline-3-carboxylate'
#
_entity_poly.entity_id   1
_entity_poly.type   'polypeptide(L)'
_entity_poly.pdbx_seq_one_letter_code
;MKRQWALEDFEIGRPLGKGKFGNVYLAREKQSKFILALKVLFKAQLEKAGVEHQLRREVEIQSHLRHPNILRLYGYFHDA
TRVYLILEYAPLGTVYRELQKLSKFDEQRTATYITELANALSYCHSKRVIHRDIKPENLLLGSAGELKIADFGWSVHAPS
SRRTTLCGTLDYLPPEMIEGRMHDEKVDLWSLGVLCYEFLVGKPPFEANTYQETYKRISRVEFTFPDFVTEGARDLISRL
LKHNPSQRPMLREVLEHPWITANSSKPSNCQNKESAAAALEHHHHHH
;
_entity_poly.pdbx_strand_id   A,B
#
loop_
_chem_comp.id
_chem_comp.type
_chem_comp.name
_chem_comp.formula
QMN non-polymer 'ethyl (9S)-9-[3-(1H-benzimidazol-2-yloxy)phenyl]-8-oxo-4,5,6,7,8,9-hexahydro-2H-pyrrolo[3,4-b]quinoline-3-carboxylate' 'C27 H24 N4 O4'
#
# COMPACT_ATOMS: atom_id res chain seq x y z
N GLN A 4 -22.12 16.23 21.38
CA GLN A 4 -23.02 15.10 21.13
C GLN A 4 -24.27 15.52 20.40
N TRP A 5 -24.59 14.87 19.31
CA TRP A 5 -25.78 15.21 18.56
C TRP A 5 -26.81 14.10 18.67
N ALA A 6 -28.05 14.42 18.32
CA ALA A 6 -29.16 13.47 18.32
C ALA A 6 -30.02 13.73 17.12
N LEU A 7 -30.76 12.70 16.70
CA LEU A 7 -31.65 12.78 15.54
C LEU A 7 -32.67 13.92 15.67
N GLU A 8 -33.20 14.14 16.88
CA GLU A 8 -34.13 15.21 17.23
C GLU A 8 -33.50 16.60 17.08
N ASP A 9 -32.18 16.68 16.81
CA ASP A 9 -31.51 17.98 16.60
C ASP A 9 -31.62 18.46 15.13
N PHE A 10 -32.12 17.57 14.27
CA PHE A 10 -32.23 17.79 12.84
C PHE A 10 -33.60 17.54 12.30
N GLU A 11 -33.95 18.34 11.27
CA GLU A 11 -35.23 18.22 10.57
C GLU A 11 -34.90 17.45 9.32
N ILE A 12 -35.46 16.28 9.16
CA ILE A 12 -35.21 15.46 8.00
C ILE A 12 -36.00 15.91 6.77
N GLY A 13 -35.29 16.09 5.66
CA GLY A 13 -35.86 16.41 4.37
C GLY A 13 -35.91 15.21 3.44
N ARG A 14 -35.81 15.48 2.12
CA ARG A 14 -35.86 14.44 1.08
C ARG A 14 -34.60 13.56 1.05
N PRO A 15 -34.75 12.29 0.60
CA PRO A 15 -33.57 11.44 0.40
C PRO A 15 -32.71 11.99 -0.75
N LEU A 16 -31.38 11.98 -0.57
CA LEU A 16 -30.41 12.47 -1.55
C LEU A 16 -29.84 11.32 -2.36
N GLY A 17 -29.76 10.15 -1.74
CA GLY A 17 -29.27 8.98 -2.44
C GLY A 17 -29.37 7.70 -1.66
N LYS A 18 -28.79 6.65 -2.23
CA LYS A 18 -28.70 5.32 -1.65
C LYS A 18 -27.22 5.01 -1.39
N GLY A 19 -26.94 4.52 -0.20
CA GLY A 19 -25.60 4.14 0.25
C GLY A 19 -25.50 2.62 0.31
N LYS A 20 -24.28 2.12 0.54
CA LYS A 20 -24.04 0.68 0.58
C LYS A 20 -24.69 0.04 1.81
N PHE A 21 -24.87 0.88 2.84
CA PHE A 21 -25.36 0.45 4.12
C PHE A 21 -26.51 1.31 4.65
N GLY A 22 -27.14 2.09 3.78
CA GLY A 22 -28.26 2.92 4.20
C GLY A 22 -28.63 4.00 3.22
N ASN A 23 -29.22 5.11 3.70
CA ASN A 23 -29.66 6.22 2.86
C ASN A 23 -29.08 7.56 3.33
N VAL A 24 -29.08 8.55 2.46
CA VAL A 24 -28.58 9.88 2.79
C VAL A 24 -29.78 10.80 2.63
N TYR A 25 -30.00 11.73 3.60
CA TYR A 25 -31.14 12.66 3.58
C TYR A 25 -30.68 14.06 3.68
N LEU A 26 -31.46 14.96 3.08
CA LEU A 26 -31.16 16.37 3.20
C LEU A 26 -31.69 16.67 4.58
N ALA A 27 -30.96 17.50 5.34
CA ALA A 27 -31.42 17.83 6.69
C ALA A 27 -31.05 19.24 7.11
N ARG A 28 -31.59 19.66 8.24
CA ARG A 28 -31.34 20.99 8.77
C ARG A 28 -31.12 20.91 10.26
N GLU A 29 -30.09 21.60 10.74
CA GLU A 29 -29.82 21.66 12.18
C GLU A 29 -30.88 22.64 12.72
N LYS A 30 -31.79 22.12 13.56
CA LYS A 30 -32.90 22.89 14.13
C LYS A 30 -32.52 24.31 14.62
N GLN A 31 -31.42 24.48 15.35
CA GLN A 31 -31.05 25.80 15.87
C GLN A 31 -30.57 26.75 14.83
N SER A 32 -29.49 26.40 14.09
CA SER A 32 -28.84 27.27 13.09
C SER A 32 -29.52 27.31 11.76
N LYS A 33 -30.46 26.37 11.56
CA LYS A 33 -31.19 26.23 10.28
C LYS A 33 -30.20 25.96 9.12
N PHE A 34 -29.05 25.38 9.47
CA PHE A 34 -28.01 25.05 8.52
C PHE A 34 -28.36 23.76 7.78
N ILE A 35 -28.24 23.82 6.43
CA ILE A 35 -28.53 22.69 5.55
C ILE A 35 -27.33 21.78 5.44
N LEU A 36 -27.54 20.51 5.65
CA LEU A 36 -26.49 19.52 5.57
C LEU A 36 -27.08 18.18 5.07
N ALA A 37 -26.22 17.19 4.95
CA ALA A 37 -26.63 15.86 4.53
C ALA A 37 -26.46 14.91 5.70
N LEU A 38 -27.44 14.07 5.92
CA LEU A 38 -27.36 13.12 7.00
C LEU A 38 -27.36 11.74 6.44
N LYS A 39 -26.20 11.06 6.58
CA LYS A 39 -26.02 9.70 6.09
C LYS A 39 -26.34 8.72 7.20
N VAL A 40 -27.29 7.82 6.90
CA VAL A 40 -27.76 6.80 7.81
C VAL A 40 -27.18 5.47 7.41
N LEU A 41 -26.51 4.83 8.35
CA LEU A 41 -25.88 3.52 8.16
C LEU A 41 -26.50 2.53 9.12
N PHE A 42 -26.94 1.38 8.61
CA PHE A 42 -27.55 0.36 9.47
C PHE A 42 -26.50 -0.54 10.06
N LYS A 43 -26.53 -0.68 11.37
CA LYS A 43 -25.58 -1.51 12.09
C LYS A 43 -25.65 -2.97 11.67
N ALA A 44 -26.88 -3.51 11.50
CA ALA A 44 -27.09 -4.91 11.05
C ALA A 44 -26.37 -5.16 9.74
N GLN A 45 -26.34 -4.18 8.85
CA GLN A 45 -25.65 -4.28 7.56
C GLN A 45 -24.15 -4.06 7.69
N LEU A 46 -23.75 -3.10 8.53
CA LEU A 46 -22.34 -2.84 8.77
C LEU A 46 -21.69 -4.07 9.39
N GLU A 47 -22.46 -4.83 10.20
CA GLU A 47 -22.07 -6.05 10.90
C GLU A 47 -21.89 -7.20 9.96
N LYS A 48 -22.87 -7.39 9.04
CA LYS A 48 -22.85 -8.43 8.00
C LYS A 48 -21.76 -8.17 6.94
N ALA A 49 -20.81 -7.27 7.23
CA ALA A 49 -19.74 -6.94 6.31
C ALA A 49 -18.37 -6.82 7.06
N GLY A 50 -18.43 -6.75 8.40
CA GLY A 50 -17.26 -6.61 9.26
C GLY A 50 -16.41 -5.38 9.00
N VAL A 51 -17.08 -4.29 8.64
CA VAL A 51 -16.44 -3.04 8.27
C VAL A 51 -16.38 -2.02 9.39
N GLU A 52 -16.90 -2.35 10.58
CA GLU A 52 -16.95 -1.42 11.72
C GLU A 52 -15.63 -0.75 12.02
N HIS A 53 -14.56 -1.53 12.09
CA HIS A 53 -13.25 -0.97 12.37
C HIS A 53 -12.78 -0.05 11.23
N GLN A 54 -13.26 -0.34 10.03
CA GLN A 54 -12.93 0.41 8.83
C GLN A 54 -13.67 1.76 8.84
N LEU A 55 -14.97 1.73 9.23
CA LEU A 55 -15.81 2.91 9.35
C LEU A 55 -15.18 3.90 10.30
N ARG A 56 -14.78 3.41 11.50
CA ARG A 56 -14.16 4.23 12.55
C ARG A 56 -12.91 4.91 12.02
N ARG A 57 -12.16 4.22 11.14
CA ARG A 57 -10.95 4.76 10.56
C ARG A 57 -11.28 5.84 9.55
N GLU A 58 -12.19 5.54 8.59
CA GLU A 58 -12.59 6.52 7.55
C GLU A 58 -13.17 7.83 8.18
N VAL A 59 -14.05 7.64 9.18
CA VAL A 59 -14.66 8.73 9.96
C VAL A 59 -13.60 9.58 10.62
N GLU A 60 -12.60 8.94 11.20
CA GLU A 60 -11.48 9.61 11.87
C GLU A 60 -10.69 10.45 10.86
N ILE A 61 -10.43 9.91 9.65
CA ILE A 61 -9.70 10.63 8.62
C ILE A 61 -10.45 11.91 8.22
N GLN A 62 -11.70 11.71 7.80
CA GLN A 62 -12.53 12.81 7.35
C GLN A 62 -12.67 13.93 8.38
N SER A 63 -12.90 13.54 9.66
CA SER A 63 -13.11 14.48 10.75
C SER A 63 -11.94 15.36 10.97
N HIS A 64 -10.76 14.85 10.71
CA HIS A 64 -9.47 15.50 10.91
C HIS A 64 -9.13 16.46 9.77
N LEU A 65 -9.65 16.19 8.56
CA LEU A 65 -9.44 17.04 7.41
C LEU A 65 -10.40 18.23 7.35
N ARG A 66 -9.86 19.47 7.45
CA ARG A 66 -10.67 20.70 7.43
C ARG A 66 -10.17 21.66 6.36
N HIS A 67 -10.78 21.55 5.16
CA HIS A 67 -10.41 22.34 3.98
C HIS A 67 -11.67 22.63 3.14
N PRO A 68 -11.74 23.87 2.57
CA PRO A 68 -12.89 24.25 1.76
C PRO A 68 -13.12 23.38 0.51
N ASN A 69 -12.11 22.62 0.07
CA ASN A 69 -12.23 21.78 -1.13
C ASN A 69 -12.25 20.30 -0.80
N ILE A 70 -12.62 19.98 0.45
CA ILE A 70 -12.75 18.60 0.91
C ILE A 70 -14.08 18.50 1.62
N LEU A 71 -14.91 17.54 1.21
CA LEU A 71 -16.22 17.31 1.83
C LEU A 71 -16.09 17.15 3.35
N ARG A 72 -16.76 18.01 4.06
CA ARG A 72 -16.71 18.07 5.51
C ARG A 72 -17.61 17.06 6.23
N LEU A 73 -17.06 16.47 7.27
CA LEU A 73 -17.82 15.59 8.15
C LEU A 73 -17.88 16.41 9.43
N TYR A 74 -19.05 16.97 9.72
CA TYR A 74 -19.28 17.83 10.86
C TYR A 74 -19.28 17.04 12.19
N GLY A 75 -19.76 15.82 12.16
CA GLY A 75 -19.84 14.99 13.33
C GLY A 75 -20.60 13.71 13.09
N TYR A 76 -20.87 12.97 14.15
CA TYR A 76 -21.59 11.72 14.04
C TYR A 76 -22.19 11.36 15.37
N PHE A 77 -23.17 10.47 15.32
CA PHE A 77 -23.88 10.00 16.50
C PHE A 77 -24.55 8.71 16.11
N HIS A 78 -25.07 7.98 17.09
CA HIS A 78 -25.79 6.77 16.75
C HIS A 78 -26.81 6.37 17.78
N ASP A 79 -27.77 5.55 17.36
CA ASP A 79 -28.81 5.02 18.19
C ASP A 79 -28.72 3.50 18.20
N ALA A 80 -29.71 2.84 18.80
CA ALA A 80 -29.78 1.40 18.93
C ALA A 80 -29.53 0.62 17.62
N THR A 81 -30.02 1.14 16.48
CA THR A 81 -29.93 0.41 15.21
C THR A 81 -29.19 1.11 14.06
N ARG A 82 -28.84 2.39 14.24
CA ARG A 82 -28.22 3.16 13.17
C ARG A 82 -27.05 4.06 13.55
N VAL A 83 -26.19 4.32 12.57
CA VAL A 83 -25.03 5.20 12.71
C VAL A 83 -25.30 6.40 11.82
N TYR A 84 -25.16 7.60 12.37
CA TYR A 84 -25.44 8.82 11.64
C TYR A 84 -24.22 9.67 11.40
N LEU A 85 -24.01 10.05 10.13
CA LEU A 85 -22.87 10.90 9.78
C LEU A 85 -23.40 12.23 9.33
N ILE A 86 -22.93 13.31 9.99
CA ILE A 86 -23.36 14.67 9.71
C ILE A 86 -22.43 15.24 8.69
N LEU A 87 -22.84 15.20 7.40
CA LEU A 87 -21.98 15.61 6.27
C LEU A 87 -22.37 16.87 5.56
N GLU A 88 -21.38 17.45 4.89
CA GLU A 88 -21.54 18.65 4.09
C GLU A 88 -22.46 18.34 2.93
N TYR A 89 -23.38 19.29 2.66
CA TYR A 89 -24.28 19.19 1.52
C TYR A 89 -23.64 19.98 0.35
N ALA A 90 -23.48 19.32 -0.80
CA ALA A 90 -22.93 19.94 -1.99
C ALA A 90 -24.14 20.07 -2.89
N PRO A 91 -24.73 21.28 -2.97
CA PRO A 91 -25.98 21.44 -3.73
C PRO A 91 -25.92 21.12 -5.20
N LEU A 92 -24.76 21.39 -5.84
CA LEU A 92 -24.60 21.24 -7.28
C LEU A 92 -24.23 19.84 -7.77
N GLY A 93 -24.29 18.82 -6.91
CA GLY A 93 -24.01 17.43 -7.29
C GLY A 93 -22.58 17.07 -7.65
N THR A 94 -22.39 15.95 -8.41
CA THR A 94 -21.04 15.46 -8.79
C THR A 94 -20.50 16.15 -10.02
N VAL A 95 -19.17 16.24 -10.11
CA VAL A 95 -18.50 16.80 -11.28
C VAL A 95 -18.74 15.82 -12.44
N TYR A 96 -18.87 14.53 -12.12
CA TYR A 96 -19.13 13.51 -13.13
C TYR A 96 -20.40 13.80 -13.88
N ARG A 97 -21.47 14.11 -13.12
CA ARG A 97 -22.76 14.43 -13.70
C ARG A 97 -22.68 15.65 -14.64
N GLU A 98 -21.99 16.71 -14.19
CA GLU A 98 -21.80 17.92 -14.99
C GLU A 98 -21.04 17.57 -16.27
N LEU A 99 -20.03 16.69 -16.14
CA LEU A 99 -19.21 16.28 -17.27
C LEU A 99 -20.03 15.53 -18.28
N GLN A 100 -20.91 14.62 -17.84
CA GLN A 100 -21.77 13.87 -18.78
C GLN A 100 -22.72 14.82 -19.52
N LYS A 101 -23.29 15.80 -18.77
CA LYS A 101 -24.20 16.81 -19.31
C LYS A 101 -23.51 17.70 -20.34
N LEU A 102 -22.33 18.25 -20.05
CA LEU A 102 -21.58 19.11 -20.97
C LEU A 102 -20.65 18.37 -21.96
N SER A 103 -20.37 17.08 -21.69
CA SER A 103 -19.46 16.17 -22.41
C SER A 103 -17.97 16.49 -22.18
N LYS A 104 -17.61 17.79 -22.08
CA LYS A 104 -16.26 18.25 -21.81
C LYS A 104 -16.30 19.64 -21.19
N PHE A 105 -15.24 20.06 -20.50
CA PHE A 105 -15.18 21.35 -19.83
C PHE A 105 -14.26 22.29 -20.54
N ASP A 106 -14.56 23.60 -20.45
CA ASP A 106 -13.75 24.62 -21.08
C ASP A 106 -12.49 24.80 -20.26
N GLU A 107 -11.54 25.56 -20.77
CA GLU A 107 -10.27 25.79 -20.07
C GLU A 107 -10.41 26.51 -18.74
N GLN A 108 -11.35 27.48 -18.66
CA GLN A 108 -11.52 28.24 -17.44
C GLN A 108 -12.00 27.35 -16.28
N ARG A 109 -13.05 26.54 -16.57
CA ARG A 109 -13.65 25.65 -15.59
C ARG A 109 -12.62 24.62 -15.13
N THR A 110 -11.88 24.03 -16.11
CA THR A 110 -10.86 23.02 -15.85
C THR A 110 -9.75 23.57 -14.99
N ALA A 111 -9.13 24.68 -15.40
CA ALA A 111 -8.03 25.26 -14.64
C ALA A 111 -8.43 25.62 -13.21
N THR A 112 -9.69 26.06 -13.03
CA THR A 112 -10.23 26.40 -11.71
C THR A 112 -10.33 25.13 -10.85
N TYR A 113 -10.95 24.07 -11.41
CA TYR A 113 -11.11 22.80 -10.71
C TYR A 113 -9.75 22.21 -10.28
N ILE A 114 -8.76 22.27 -11.22
CA ILE A 114 -7.40 21.78 -10.99
C ILE A 114 -6.74 22.58 -9.87
N THR A 115 -6.97 23.89 -9.83
CA THR A 115 -6.44 24.72 -8.75
C THR A 115 -6.99 24.28 -7.39
N GLU A 116 -8.31 24.12 -7.33
CA GLU A 116 -8.97 23.71 -6.09
C GLU A 116 -8.48 22.35 -5.64
N LEU A 117 -8.29 21.40 -6.61
CA LEU A 117 -7.79 20.04 -6.32
C LEU A 117 -6.33 20.08 -5.84
N ALA A 118 -5.52 20.91 -6.48
CA ALA A 118 -4.14 21.04 -6.10
C ALA A 118 -3.99 21.57 -4.67
N ASN A 119 -4.83 22.53 -4.29
CA ASN A 119 -4.82 23.10 -2.95
C ASN A 119 -5.24 22.02 -1.93
N ALA A 120 -6.35 21.30 -2.23
CA ALA A 120 -6.86 20.25 -1.37
C ALA A 120 -5.84 19.17 -1.19
N LEU A 121 -5.19 18.76 -2.31
CA LEU A 121 -4.18 17.70 -2.30
C LEU A 121 -2.94 18.15 -1.54
N SER A 122 -2.54 19.42 -1.71
CA SER A 122 -1.40 19.95 -1.00
C SER A 122 -1.64 19.95 0.53
N TYR A 123 -2.85 20.25 0.94
CA TYR A 123 -3.27 20.23 2.32
C TYR A 123 -3.23 18.78 2.80
N CYS A 124 -3.83 17.84 2.02
CA CYS A 124 -3.86 16.39 2.35
C CYS A 124 -2.46 15.88 2.61
N HIS A 125 -1.52 16.24 1.71
CA HIS A 125 -0.13 15.82 1.79
C HIS A 125 0.51 16.29 3.06
N SER A 126 0.27 17.56 3.44
CA SER A 126 0.77 18.16 4.67
C SER A 126 0.28 17.39 5.90
N LYS A 127 -0.82 16.66 5.74
CA LYS A 127 -1.42 15.84 6.80
C LYS A 127 -1.22 14.35 6.58
N ARG A 128 -0.22 14.02 5.74
CA ARG A 128 0.19 12.65 5.41
C ARG A 128 -0.98 11.81 4.85
N VAL A 129 -1.85 12.46 4.08
CA VAL A 129 -2.97 11.77 3.43
C VAL A 129 -2.65 11.80 1.95
N ILE A 130 -2.41 10.60 1.40
CA ILE A 130 -2.08 10.49 0.00
C ILE A 130 -2.97 9.46 -0.69
N HIS A 131 -2.81 9.41 -2.02
CA HIS A 131 -3.48 8.50 -2.92
C HIS A 131 -4.99 8.55 -2.76
N ARG A 132 -5.54 9.74 -3.09
CA ARG A 132 -6.99 10.01 -3.05
C ARG A 132 -7.55 9.75 -4.42
N ASP A 133 -8.68 9.03 -4.44
CA ASP A 133 -9.39 8.71 -5.68
C ASP A 133 -10.19 9.93 -6.07
N ILE A 134 -9.55 10.81 -6.85
CA ILE A 134 -10.15 12.05 -7.33
C ILE A 134 -10.84 11.93 -8.69
N LYS A 135 -11.38 10.74 -9.02
CA LYS A 135 -12.11 10.59 -10.28
C LYS A 135 -13.36 11.46 -10.23
N PRO A 136 -13.88 11.93 -11.38
CA PRO A 136 -15.05 12.84 -11.39
C PRO A 136 -16.23 12.43 -10.51
N GLU A 137 -16.52 11.13 -10.43
CA GLU A 137 -17.59 10.61 -9.62
C GLU A 137 -17.38 10.83 -8.12
N ASN A 138 -16.14 11.13 -7.68
CA ASN A 138 -15.81 11.36 -6.26
C ASN A 138 -15.61 12.82 -5.97
N LEU A 139 -15.98 13.66 -6.93
CA LEU A 139 -15.85 15.10 -6.77
C LEU A 139 -17.23 15.74 -6.73
N LEU A 140 -17.52 16.50 -5.67
CA LEU A 140 -18.80 17.20 -5.48
C LEU A 140 -18.67 18.70 -5.68
N LEU A 141 -19.81 19.40 -5.80
CA LEU A 141 -19.78 20.83 -6.06
C LEU A 141 -20.61 21.63 -5.06
N GLY A 142 -19.99 22.67 -4.51
CA GLY A 142 -20.64 23.56 -3.58
C GLY A 142 -21.59 24.51 -4.28
N SER A 143 -22.25 25.40 -3.50
CA SER A 143 -23.22 26.37 -4.02
C SER A 143 -22.64 27.29 -5.10
N ALA A 144 -21.36 27.68 -4.96
CA ALA A 144 -20.67 28.53 -5.92
C ALA A 144 -19.91 27.73 -7.00
N GLY A 145 -20.20 26.43 -7.08
CA GLY A 145 -19.58 25.51 -8.03
C GLY A 145 -18.17 25.12 -7.64
N GLU A 146 -17.78 25.37 -6.35
CA GLU A 146 -16.47 25.02 -5.83
C GLU A 146 -16.38 23.52 -5.66
N LEU A 147 -15.24 22.96 -6.03
CA LEU A 147 -15.00 21.53 -6.00
C LEU A 147 -14.78 21.02 -4.56
N LYS A 148 -15.29 19.83 -4.28
CA LYS A 148 -15.13 19.20 -2.99
C LYS A 148 -14.71 17.74 -3.19
N ILE A 149 -13.52 17.33 -2.68
CA ILE A 149 -13.10 15.93 -2.75
C ILE A 149 -14.02 15.11 -1.85
N ALA A 150 -14.61 14.05 -2.38
CA ALA A 150 -15.48 13.23 -1.57
C ALA A 150 -15.17 11.76 -1.65
N ASP A 151 -13.87 11.44 -1.74
CA ASP A 151 -13.27 10.10 -1.85
C ASP A 151 -13.75 9.05 -0.77
N PHE A 152 -14.12 9.52 0.49
CA PHE A 152 -14.59 8.83 1.73
C PHE A 152 -15.84 7.86 1.58
N GLY A 153 -15.72 6.58 2.01
CA GLY A 153 -16.79 5.57 1.95
C GLY A 153 -16.60 4.31 1.10
N ARG A 162 -16.64 1.29 -13.71
CA ARG A 162 -15.56 2.09 -14.31
C ARG A 162 -14.15 1.41 -14.32
N ARG A 163 -14.07 0.06 -14.26
CA ARG A 163 -12.81 -0.70 -14.34
C ARG A 163 -11.83 -0.42 -13.19
N THR A 164 -11.70 -1.47 -12.33
CA THR A 164 -10.93 -1.48 -11.07
C THR A 164 -10.14 -2.79 -10.74
N THR A 165 -8.81 -2.63 -10.44
CA THR A 165 -7.95 -3.73 -10.01
C THR A 165 -8.02 -3.62 -8.51
N LEU A 166 -7.25 -4.50 -7.82
CA LEU A 166 -7.03 -4.45 -6.39
C LEU A 166 -6.29 -3.18 -6.08
N CYS A 167 -5.44 -2.69 -7.00
CA CYS A 167 -4.74 -1.42 -6.82
C CYS A 167 -5.67 -0.20 -6.78
N GLY A 168 -6.81 -0.28 -7.49
CA GLY A 168 -7.76 0.82 -7.56
C GLY A 168 -8.43 1.03 -8.90
N THR A 169 -8.76 2.29 -9.22
CA THR A 169 -9.44 2.71 -10.46
C THR A 169 -8.43 2.70 -11.59
N LEU A 170 -8.56 1.68 -12.44
CA LEU A 170 -7.71 1.37 -13.59
C LEU A 170 -7.28 2.58 -14.39
N ASP A 171 -8.25 3.32 -14.92
CA ASP A 171 -7.96 4.44 -15.80
C ASP A 171 -7.12 5.52 -15.15
N TYR A 172 -7.02 5.44 -13.82
CA TYR A 172 -6.34 6.42 -13.00
C TYR A 172 -5.07 5.94 -12.29
N LEU A 173 -4.76 4.63 -12.41
CA LEU A 173 -3.55 4.08 -11.78
C LEU A 173 -2.28 4.55 -12.45
N PRO A 174 -1.25 4.95 -11.66
CA PRO A 174 0.01 5.40 -12.26
C PRO A 174 0.89 4.20 -12.64
N PRO A 175 1.94 4.44 -13.48
CA PRO A 175 2.84 3.35 -13.87
C PRO A 175 3.43 2.58 -12.68
N GLU A 176 4.00 3.31 -11.69
CA GLU A 176 4.61 2.73 -10.49
C GLU A 176 3.73 1.71 -9.80
N MET A 177 2.42 1.99 -9.67
CA MET A 177 1.49 1.06 -9.03
C MET A 177 1.26 -0.18 -9.85
N ILE A 178 0.86 0.00 -11.12
CA ILE A 178 0.57 -1.11 -12.04
C ILE A 178 1.79 -2.03 -12.21
N GLU A 179 2.98 -1.42 -12.16
CA GLU A 179 4.24 -2.12 -12.31
C GLU A 179 4.75 -2.73 -11.01
N GLY A 180 3.92 -2.71 -9.97
CA GLY A 180 4.25 -3.26 -8.66
C GLY A 180 5.34 -2.55 -7.87
N ARG A 181 5.90 -1.46 -8.42
CA ARG A 181 6.96 -0.67 -7.78
C ARG A 181 6.49 0.14 -6.56
N MET A 182 7.44 0.88 -5.98
CA MET A 182 7.20 1.73 -4.81
C MET A 182 6.60 3.05 -5.26
N HIS A 183 5.66 3.57 -4.45
CA HIS A 183 5.01 4.86 -4.72
C HIS A 183 4.82 5.72 -3.50
N ASP A 184 4.64 7.00 -3.74
CA ASP A 184 4.49 8.00 -2.72
C ASP A 184 3.34 8.96 -3.08
N GLU A 185 3.43 10.21 -2.60
CA GLU A 185 2.43 11.23 -2.88
C GLU A 185 2.38 11.61 -4.36
N LYS A 186 3.45 11.32 -5.12
CA LYS A 186 3.50 11.65 -6.55
C LYS A 186 2.43 10.94 -7.36
N VAL A 187 1.76 9.92 -6.78
CA VAL A 187 0.65 9.21 -7.43
C VAL A 187 -0.52 10.17 -7.61
N ASP A 188 -0.64 11.17 -6.71
CA ASP A 188 -1.71 12.13 -6.76
C ASP A 188 -1.49 13.13 -7.88
N LEU A 189 -0.22 13.40 -8.23
CA LEU A 189 0.08 14.30 -9.35
C LEU A 189 -0.27 13.62 -10.67
N TRP A 190 -0.05 12.32 -10.76
CA TRP A 190 -0.40 11.56 -11.94
C TRP A 190 -1.91 11.63 -12.09
N SER A 191 -2.66 11.41 -10.98
CA SER A 191 -4.13 11.43 -10.95
C SER A 191 -4.66 12.77 -11.46
N LEU A 192 -3.99 13.86 -11.02
CA LEU A 192 -4.33 15.23 -11.41
C LEU A 192 -4.20 15.40 -12.92
N GLY A 193 -3.14 14.85 -13.52
CA GLY A 193 -2.95 14.91 -14.97
C GLY A 193 -4.03 14.16 -15.72
N VAL A 194 -4.41 12.95 -15.22
CA VAL A 194 -5.46 12.14 -15.82
C VAL A 194 -6.79 12.91 -15.76
N LEU A 195 -7.10 13.50 -14.60
CA LEU A 195 -8.32 14.29 -14.40
C LEU A 195 -8.33 15.53 -15.26
N CYS A 196 -7.23 16.30 -15.30
CA CYS A 196 -7.16 17.46 -16.16
C CYS A 196 -7.48 17.12 -17.61
N TYR A 197 -6.93 16.00 -18.10
CA TYR A 197 -7.16 15.52 -19.45
C TYR A 197 -8.62 15.16 -19.60
N GLU A 198 -9.17 14.37 -18.67
CA GLU A 198 -10.58 13.95 -18.72
C GLU A 198 -11.52 15.15 -18.69
N PHE A 199 -11.20 16.18 -17.90
CA PHE A 199 -12.02 17.40 -17.85
C PHE A 199 -12.07 18.08 -19.21
N LEU A 200 -10.89 18.28 -19.84
CA LEU A 200 -10.79 18.94 -21.14
C LEU A 200 -11.28 18.12 -22.32
N VAL A 201 -11.14 16.79 -22.26
CA VAL A 201 -11.48 15.89 -23.35
C VAL A 201 -12.85 15.22 -23.20
N GLY A 202 -13.17 14.79 -21.98
CA GLY A 202 -14.42 14.06 -21.72
C GLY A 202 -14.18 12.60 -21.39
N LYS A 203 -12.94 12.12 -21.64
CA LYS A 203 -12.55 10.73 -21.35
C LYS A 203 -11.11 10.69 -20.82
N PRO A 204 -10.76 9.69 -19.96
CA PRO A 204 -9.36 9.58 -19.49
C PRO A 204 -8.40 9.20 -20.65
N PRO A 205 -7.10 9.57 -20.53
CA PRO A 205 -6.13 9.37 -21.65
C PRO A 205 -5.72 7.94 -22.01
N PHE A 206 -5.82 6.98 -21.09
CA PHE A 206 -5.37 5.60 -21.38
C PHE A 206 -6.47 4.58 -21.55
N GLU A 207 -7.69 5.06 -21.77
CA GLU A 207 -8.83 4.17 -21.98
C GLU A 207 -8.55 3.19 -23.15
N ALA A 208 -8.84 1.91 -22.97
CA ALA A 208 -8.61 0.86 -23.98
C ALA A 208 -9.65 -0.26 -23.84
N ASN A 209 -9.62 -1.25 -24.76
CA ASN A 209 -10.60 -2.36 -24.81
C ASN A 209 -10.42 -3.35 -23.69
N THR A 210 -9.14 -3.68 -23.38
CA THR A 210 -8.82 -4.63 -22.33
C THR A 210 -7.98 -4.01 -21.19
N TYR A 211 -8.12 -4.61 -20.02
CA TYR A 211 -7.38 -4.39 -18.79
C TYR A 211 -5.88 -4.36 -19.19
N GLN A 212 -5.46 -5.42 -19.93
CA GLN A 212 -4.08 -5.57 -20.38
C GLN A 212 -3.63 -4.47 -21.29
N GLU A 213 -4.53 -3.99 -22.16
CA GLU A 213 -4.17 -2.92 -23.07
C GLU A 213 -3.99 -1.64 -22.31
N THR A 214 -4.91 -1.38 -21.34
CA THR A 214 -4.84 -0.16 -20.54
C THR A 214 -3.52 -0.15 -19.79
N TYR A 215 -3.17 -1.30 -19.17
CA TYR A 215 -1.92 -1.48 -18.45
C TYR A 215 -0.71 -1.11 -19.28
N LYS A 216 -0.63 -1.64 -20.51
CA LYS A 216 0.47 -1.37 -21.44
C LYS A 216 0.48 0.11 -21.82
N ARG A 217 -0.72 0.72 -21.96
CA ARG A 217 -0.87 2.14 -22.34
C ARG A 217 -0.29 3.05 -21.27
N ILE A 218 -0.60 2.72 -20.02
CA ILE A 218 -0.15 3.47 -18.85
C ILE A 218 1.33 3.31 -18.71
N SER A 219 1.80 2.03 -18.70
CA SER A 219 3.19 1.68 -18.53
C SER A 219 4.09 2.43 -19.51
N ARG A 220 3.65 2.49 -20.80
CA ARG A 220 4.39 3.12 -21.87
C ARG A 220 4.10 4.64 -21.95
N VAL A 221 3.04 5.11 -21.21
CA VAL A 221 2.55 6.50 -21.24
C VAL A 221 2.18 6.82 -22.71
N GLU A 222 1.36 5.95 -23.30
CA GLU A 222 0.89 6.07 -24.67
C GLU A 222 -0.52 6.71 -24.69
N PHE A 223 -0.60 8.00 -25.04
CA PHE A 223 -1.87 8.72 -25.17
C PHE A 223 -1.70 9.86 -26.19
N THR A 224 -2.84 10.35 -26.74
CA THR A 224 -2.82 11.45 -27.72
C THR A 224 -3.77 12.55 -27.32
N PHE A 225 -3.53 13.73 -27.85
CA PHE A 225 -4.34 14.90 -27.60
C PHE A 225 -5.25 15.24 -28.79
N PRO A 226 -6.56 15.51 -28.54
CA PRO A 226 -7.43 15.98 -29.63
C PRO A 226 -6.95 17.37 -30.03
N ASP A 227 -7.26 17.75 -31.28
CA ASP A 227 -6.74 18.98 -31.86
C ASP A 227 -7.06 20.24 -31.05
N PHE A 228 -8.24 20.30 -30.41
CA PHE A 228 -8.69 21.45 -29.61
C PHE A 228 -7.89 21.73 -28.34
N VAL A 229 -7.19 20.72 -27.79
CA VAL A 229 -6.39 20.88 -26.56
C VAL A 229 -5.22 21.79 -26.85
N THR A 230 -5.19 22.94 -26.18
CA THR A 230 -4.18 23.97 -26.39
C THR A 230 -2.79 23.61 -25.88
N GLU A 231 -1.80 24.39 -26.33
CA GLU A 231 -0.40 24.26 -25.99
C GLU A 231 -0.14 24.25 -24.48
N GLY A 232 -0.74 25.21 -23.76
CA GLY A 232 -0.62 25.32 -22.31
C GLY A 232 -1.14 24.11 -21.56
N ALA A 233 -2.31 23.60 -21.97
CA ALA A 233 -2.93 22.44 -21.36
C ALA A 233 -2.08 21.20 -21.59
N ARG A 234 -1.56 21.05 -22.84
CA ARG A 234 -0.69 19.92 -23.22
C ARG A 234 0.58 19.94 -22.38
N ASP A 235 1.17 21.13 -22.16
CA ASP A 235 2.37 21.25 -21.36
C ASP A 235 2.12 20.72 -19.97
N LEU A 236 1.04 21.18 -19.32
CA LEU A 236 0.69 20.74 -17.97
C LEU A 236 0.42 19.25 -17.88
N ILE A 237 -0.48 18.74 -18.70
CA ILE A 237 -0.82 17.32 -18.70
C ILE A 237 0.40 16.44 -18.93
N SER A 238 1.23 16.80 -19.92
CA SER A 238 2.45 16.06 -20.25
C SER A 238 3.45 16.01 -19.07
N ARG A 239 3.58 17.12 -18.33
CA ARG A 239 4.45 17.18 -17.14
C ARG A 239 3.92 16.33 -15.98
N LEU A 240 2.59 16.28 -15.80
CA LEU A 240 1.95 15.52 -14.74
C LEU A 240 1.98 14.05 -15.04
N LEU A 241 1.85 13.70 -16.33
CA LEU A 241 1.83 12.31 -16.74
C LEU A 241 3.21 11.80 -17.16
N LYS A 242 4.24 12.10 -16.34
CA LYS A 242 5.60 11.66 -16.54
C LYS A 242 5.73 10.28 -15.93
N HIS A 243 6.38 9.35 -16.63
CA HIS A 243 6.54 7.99 -16.11
C HIS A 243 7.35 7.99 -14.79
N ASN A 244 8.39 8.81 -14.76
CA ASN A 244 9.22 8.92 -13.59
C ASN A 244 8.57 9.88 -12.61
N PRO A 245 8.14 9.37 -11.43
CA PRO A 245 7.48 10.21 -10.42
C PRO A 245 8.21 11.47 -10.02
N SER A 246 9.55 11.40 -9.99
CA SER A 246 10.34 12.55 -9.60
C SER A 246 10.33 13.68 -10.63
N GLN A 247 9.91 13.38 -11.87
CA GLN A 247 9.85 14.37 -12.95
C GLN A 247 8.49 15.09 -12.98
N ARG A 248 7.54 14.61 -12.15
CA ARG A 248 6.22 15.23 -12.07
C ARG A 248 6.35 16.47 -11.22
N PRO A 249 5.68 17.56 -11.59
CA PRO A 249 5.86 18.80 -10.83
C PRO A 249 5.31 18.72 -9.42
N MET A 250 5.73 19.65 -8.58
CA MET A 250 5.20 19.72 -7.22
C MET A 250 3.87 20.44 -7.32
N LEU A 251 2.97 20.26 -6.33
CA LEU A 251 1.67 20.89 -6.37
C LEU A 251 1.78 22.41 -6.50
N ARG A 252 2.81 23.03 -5.87
CA ARG A 252 3.01 24.48 -5.99
C ARG A 252 3.39 24.85 -7.42
N GLU A 253 4.09 23.95 -8.12
CA GLU A 253 4.47 24.21 -9.50
C GLU A 253 3.25 24.11 -10.43
N VAL A 254 2.23 23.31 -10.01
CA VAL A 254 0.97 23.18 -10.76
C VAL A 254 0.23 24.51 -10.64
N LEU A 255 0.14 25.03 -9.42
CA LEU A 255 -0.53 26.27 -9.11
C LEU A 255 0.15 27.50 -9.70
N GLU A 256 1.42 27.37 -10.08
CA GLU A 256 2.21 28.44 -10.69
C GLU A 256 2.32 28.30 -12.21
N HIS A 257 1.83 27.18 -12.75
CA HIS A 257 1.89 26.93 -14.18
C HIS A 257 1.18 28.04 -14.94
N PRO A 258 1.84 28.61 -15.99
CA PRO A 258 1.20 29.72 -16.77
C PRO A 258 -0.19 29.43 -17.34
N TRP A 259 -0.50 28.17 -17.66
CA TRP A 259 -1.82 27.81 -18.19
C TRP A 259 -2.85 27.92 -17.09
N ILE A 260 -2.45 27.56 -15.86
CA ILE A 260 -3.30 27.64 -14.69
C ILE A 260 -3.53 29.09 -14.30
N THR A 261 -2.45 29.89 -14.24
CA THR A 261 -2.56 31.31 -13.85
C THR A 261 -3.36 32.12 -14.86
N ALA A 262 -3.36 31.69 -16.12
CA ALA A 262 -4.08 32.36 -17.19
C ALA A 262 -5.56 32.00 -17.22
N ASN A 263 -5.90 30.75 -16.89
CA ASN A 263 -7.28 30.28 -17.02
C ASN A 263 -8.09 30.09 -15.73
N SER A 264 -7.42 29.90 -14.58
CA SER A 264 -8.13 29.72 -13.31
C SER A 264 -8.78 31.01 -12.86
N SER A 265 -10.03 30.89 -12.44
CA SER A 265 -10.82 32.02 -11.94
C SER A 265 -10.62 32.16 -10.44
N LYS B 2 -13.08 4.44 0.23
CA LYS B 2 -12.32 3.18 0.20
C LYS B 2 -13.07 1.90 -0.42
N ARG B 3 -12.39 0.67 -0.42
CA ARG B 3 -13.00 -0.56 -1.00
C ARG B 3 -13.13 -1.73 -0.05
N GLN B 4 -14.14 -2.56 -0.31
CA GLN B 4 -14.57 -3.77 0.36
C GLN B 4 -14.62 -4.89 -0.66
N TRP B 5 -14.08 -6.03 -0.31
CA TRP B 5 -14.09 -7.18 -1.19
C TRP B 5 -15.00 -8.26 -0.64
N ALA B 6 -15.33 -9.24 -1.48
CA ALA B 6 -16.15 -10.38 -1.11
C ALA B 6 -15.62 -11.57 -1.83
N LEU B 7 -15.94 -12.76 -1.30
CA LEU B 7 -15.52 -14.04 -1.84
C LEU B 7 -15.93 -14.21 -3.32
N GLU B 8 -17.13 -13.72 -3.67
CA GLU B 8 -17.68 -13.70 -5.03
C GLU B 8 -16.87 -12.83 -6.02
N ASP B 9 -15.89 -12.00 -5.56
CA ASP B 9 -15.04 -11.17 -6.46
C ASP B 9 -13.84 -12.01 -6.96
N PHE B 10 -13.67 -13.23 -6.43
CA PHE B 10 -12.54 -14.10 -6.76
C PHE B 10 -12.95 -15.48 -7.17
N GLU B 11 -12.15 -16.04 -8.11
CA GLU B 11 -12.32 -17.40 -8.60
C GLU B 11 -11.31 -18.23 -7.87
N ILE B 12 -11.79 -19.19 -7.07
CA ILE B 12 -10.88 -20.02 -6.28
C ILE B 12 -10.24 -21.14 -7.11
N GLY B 13 -8.92 -21.25 -6.99
CA GLY B 13 -8.14 -22.30 -7.62
C GLY B 13 -7.69 -23.35 -6.62
N ARG B 14 -6.52 -23.95 -6.91
CA ARG B 14 -5.95 -25.01 -6.08
C ARG B 14 -5.41 -24.51 -4.73
N PRO B 15 -5.41 -25.39 -3.69
CA PRO B 15 -4.77 -25.01 -2.42
C PRO B 15 -3.25 -24.90 -2.60
N LEU B 16 -2.64 -23.89 -1.96
CA LEU B 16 -1.21 -23.63 -2.02
C LEU B 16 -0.47 -24.17 -0.81
N GLY B 17 -1.18 -24.29 0.30
CA GLY B 17 -0.62 -24.78 1.54
C GLY B 17 -1.59 -24.79 2.69
N LYS B 18 -1.05 -25.06 3.88
CA LYS B 18 -1.76 -25.13 5.14
C LYS B 18 -1.19 -24.04 6.05
N GLY B 19 -2.08 -23.29 6.69
CA GLY B 19 -1.77 -22.23 7.64
C GLY B 19 -2.09 -22.68 9.05
N LYS B 20 -1.70 -21.87 10.05
CA LYS B 20 -1.92 -22.20 11.46
C LYS B 20 -3.41 -22.20 11.81
N PHE B 21 -4.17 -21.40 11.06
CA PHE B 21 -5.57 -21.19 11.31
C PHE B 21 -6.45 -21.36 10.07
N GLY B 22 -5.92 -22.01 9.04
CA GLY B 22 -6.69 -22.25 7.83
C GLY B 22 -5.87 -22.68 6.64
N ASN B 23 -6.37 -22.41 5.42
CA ASN B 23 -5.69 -22.79 4.18
C ASN B 23 -5.43 -21.59 3.24
N VAL B 24 -4.50 -21.73 2.29
CA VAL B 24 -4.20 -20.70 1.30
C VAL B 24 -4.61 -21.27 -0.05
N TYR B 25 -5.23 -20.47 -0.91
CA TYR B 25 -5.65 -20.92 -2.24
C TYR B 25 -5.12 -19.97 -3.30
N LEU B 26 -4.78 -20.46 -4.50
CA LEU B 26 -4.35 -19.63 -5.63
C LEU B 26 -5.68 -19.14 -6.25
N ALA B 27 -5.91 -17.84 -6.29
CA ALA B 27 -7.17 -17.28 -6.76
C ALA B 27 -6.97 -16.25 -7.84
N ARG B 28 -8.09 -15.76 -8.39
CA ARG B 28 -8.07 -14.76 -9.43
C ARG B 28 -9.14 -13.73 -9.19
N GLU B 29 -8.80 -12.44 -9.29
CA GLU B 29 -9.81 -11.38 -9.17
C GLU B 29 -10.55 -11.39 -10.51
N LYS B 30 -11.84 -11.73 -10.46
CA LYS B 30 -12.76 -11.87 -11.60
C LYS B 30 -12.57 -10.80 -12.77
N GLN B 31 -12.61 -9.45 -12.55
CA GLN B 31 -12.38 -8.53 -13.71
C GLN B 31 -10.92 -8.55 -14.19
N SER B 32 -9.97 -8.21 -13.31
CA SER B 32 -8.56 -8.02 -13.69
C SER B 32 -7.86 -9.26 -14.10
N LYS B 33 -8.45 -10.44 -13.76
CA LYS B 33 -7.90 -11.78 -14.01
C LYS B 33 -6.51 -11.90 -13.35
N PHE B 34 -6.28 -11.10 -12.29
CA PHE B 34 -5.03 -11.07 -11.55
C PHE B 34 -4.94 -12.27 -10.63
N ILE B 35 -3.80 -12.96 -10.67
CA ILE B 35 -3.51 -14.14 -9.85
C ILE B 35 -2.97 -13.75 -8.49
N LEU B 36 -3.55 -14.36 -7.45
CA LEU B 36 -3.19 -14.05 -6.06
C LEU B 36 -3.32 -15.21 -5.10
N ALA B 37 -2.85 -14.99 -3.88
CA ALA B 37 -2.92 -15.95 -2.79
C ALA B 37 -4.01 -15.52 -1.80
N LEU B 38 -5.07 -16.34 -1.69
CA LEU B 38 -6.15 -16.03 -0.78
C LEU B 38 -6.00 -16.89 0.45
N LYS B 39 -5.63 -16.26 1.58
CA LYS B 39 -5.44 -16.93 2.86
C LYS B 39 -6.72 -16.89 3.66
N VAL B 40 -7.21 -18.07 4.02
CA VAL B 40 -8.43 -18.27 4.78
C VAL B 40 -8.07 -18.59 6.22
N LEU B 41 -8.61 -17.81 7.15
CA LEU B 41 -8.39 -17.98 8.58
C LEU B 41 -9.73 -18.21 9.25
N PHE B 42 -9.83 -19.25 10.08
CA PHE B 42 -11.07 -19.54 10.77
C PHE B 42 -11.16 -18.76 12.06
N LYS B 43 -12.28 -18.05 12.24
CA LYS B 43 -12.52 -17.26 13.43
C LYS B 43 -12.54 -18.11 14.71
N ALA B 44 -13.19 -19.30 14.66
CA ALA B 44 -13.27 -20.23 15.79
C ALA B 44 -11.85 -20.61 16.24
N GLN B 45 -10.96 -20.86 15.25
CA GLN B 45 -9.54 -21.22 15.42
C GLN B 45 -8.76 -20.10 16.05
N LEU B 46 -8.91 -18.85 15.54
CA LEU B 46 -8.23 -17.64 16.03
C LEU B 46 -8.71 -17.28 17.45
N GLU B 47 -10.03 -17.46 17.72
CA GLU B 47 -10.67 -17.20 19.03
C GLU B 47 -10.05 -18.07 20.11
N LYS B 48 -9.91 -19.39 19.82
CA LYS B 48 -9.27 -20.42 20.66
C LYS B 48 -7.74 -20.16 20.80
N ALA B 49 -7.25 -18.96 20.43
CA ALA B 49 -5.84 -18.60 20.52
C ALA B 49 -5.68 -17.14 21.01
N GLY B 50 -6.78 -16.39 20.94
CA GLY B 50 -6.91 -15.00 21.38
C GLY B 50 -6.03 -13.99 20.66
N VAL B 51 -5.61 -14.34 19.42
CA VAL B 51 -4.68 -13.62 18.53
C VAL B 51 -5.34 -12.51 17.72
N GLU B 52 -6.65 -12.30 17.85
CA GLU B 52 -7.40 -11.29 17.08
C GLU B 52 -6.76 -9.91 17.08
N HIS B 53 -6.38 -9.44 18.27
CA HIS B 53 -5.69 -8.17 18.52
C HIS B 53 -4.37 -8.09 17.74
N GLN B 54 -3.74 -9.26 17.59
CA GLN B 54 -2.42 -9.46 16.99
C GLN B 54 -2.57 -9.47 15.47
N LEU B 55 -3.62 -10.18 14.97
CA LEU B 55 -3.93 -10.29 13.55
C LEU B 55 -4.12 -8.91 12.97
N ARG B 56 -4.96 -8.08 13.64
CA ARG B 56 -5.25 -6.72 13.22
C ARG B 56 -4.00 -5.88 13.08
N ARG B 57 -3.03 -6.12 13.97
CA ARG B 57 -1.77 -5.41 13.97
C ARG B 57 -0.91 -5.88 12.79
N GLU B 58 -0.71 -7.20 12.65
CA GLU B 58 0.10 -7.76 11.55
C GLU B 58 -0.42 -7.34 10.15
N VAL B 59 -1.74 -7.48 9.94
CA VAL B 59 -2.50 -7.07 8.75
C VAL B 59 -2.27 -5.59 8.44
N GLU B 60 -2.30 -4.75 9.49
CA GLU B 60 -2.07 -3.33 9.35
C GLU B 60 -0.64 -3.03 8.88
N ILE B 61 0.35 -3.76 9.42
CA ILE B 61 1.75 -3.57 9.07
C ILE B 61 1.99 -3.90 7.58
N GLN B 62 1.68 -5.15 7.21
CA GLN B 62 1.91 -5.66 5.86
C GLN B 62 1.29 -4.82 4.76
N SER B 63 0.03 -4.39 4.95
CA SER B 63 -0.67 -3.57 3.99
C SER B 63 -0.13 -2.13 3.92
N HIS B 64 0.49 -1.63 5.00
CA HIS B 64 1.07 -0.29 4.99
C HIS B 64 2.42 -0.24 4.26
N LEU B 65 3.06 -1.43 4.08
CA LEU B 65 4.34 -1.65 3.38
C LEU B 65 4.12 -1.95 1.89
N ARG B 66 4.59 -1.03 1.05
CA ARG B 66 4.48 -1.17 -0.40
C ARG B 66 5.87 -1.12 -1.02
N HIS B 67 6.47 -2.33 -1.20
CA HIS B 67 7.81 -2.52 -1.74
C HIS B 67 7.85 -3.79 -2.58
N PRO B 68 8.56 -3.72 -3.76
CA PRO B 68 8.67 -4.89 -4.64
C PRO B 68 9.33 -6.13 -4.03
N ASN B 69 10.07 -5.96 -2.92
CA ASN B 69 10.76 -7.07 -2.26
C ASN B 69 10.14 -7.43 -0.93
N ILE B 70 8.87 -7.08 -0.74
CA ILE B 70 8.10 -7.41 0.46
C ILE B 70 6.77 -7.96 -0.03
N LEU B 71 6.41 -9.15 0.45
CA LEU B 71 5.14 -9.79 0.09
C LEU B 71 3.95 -8.84 0.34
N ARG B 72 3.21 -8.51 -0.73
CA ARG B 72 2.07 -7.60 -0.59
C ARG B 72 0.81 -8.25 -0.02
N LEU B 73 0.09 -7.42 0.82
CA LEU B 73 -1.24 -7.70 1.37
C LEU B 73 -2.09 -6.63 0.70
N TYR B 74 -2.81 -7.08 -0.32
CA TYR B 74 -3.64 -6.25 -1.18
C TYR B 74 -4.90 -5.77 -0.48
N GLY B 75 -5.42 -6.59 0.42
CA GLY B 75 -6.60 -6.26 1.18
C GLY B 75 -7.10 -7.43 1.99
N TYR B 76 -8.23 -7.24 2.62
CA TYR B 76 -8.83 -8.28 3.45
C TYR B 76 -10.29 -8.04 3.59
N PHE B 77 -11.00 -9.10 3.94
CA PHE B 77 -12.44 -9.07 4.13
C PHE B 77 -12.82 -10.29 4.94
N HIS B 78 -14.07 -10.37 5.39
CA HIS B 78 -14.48 -11.56 6.12
C HIS B 78 -15.96 -11.82 6.06
N ASP B 79 -16.34 -13.08 6.33
CA ASP B 79 -17.71 -13.54 6.38
C ASP B 79 -18.00 -14.05 7.79
N ALA B 80 -19.18 -14.66 7.98
CA ALA B 80 -19.65 -15.17 9.24
C ALA B 80 -18.64 -16.02 10.02
N THR B 81 -17.87 -16.87 9.31
CA THR B 81 -16.97 -17.83 9.97
C THR B 81 -15.48 -17.73 9.65
N ARG B 82 -15.12 -16.97 8.61
CA ARG B 82 -13.72 -16.90 8.17
C ARG B 82 -13.25 -15.46 7.99
N VAL B 83 -11.91 -15.27 7.94
CA VAL B 83 -11.19 -14.02 7.68
C VAL B 83 -10.33 -14.29 6.44
N TYR B 84 -10.42 -13.39 5.45
CA TYR B 84 -9.72 -13.55 4.19
C TYR B 84 -8.66 -12.50 3.96
N LEU B 85 -7.45 -12.96 3.63
CA LEU B 85 -6.33 -12.06 3.35
C LEU B 85 -5.97 -12.19 1.90
N ILE B 86 -5.98 -11.07 1.17
CA ILE B 86 -5.71 -11.02 -0.26
C ILE B 86 -4.24 -10.76 -0.40
N LEU B 87 -3.45 -11.83 -0.58
CA LEU B 87 -1.99 -11.78 -0.64
C LEU B 87 -1.35 -11.99 -1.98
N GLU B 88 -0.11 -11.50 -2.09
CA GLU B 88 0.70 -11.65 -3.28
C GLU B 88 1.04 -13.09 -3.51
N TYR B 89 0.98 -13.52 -4.78
CA TYR B 89 1.37 -14.87 -5.15
C TYR B 89 2.85 -14.85 -5.60
N ALA B 90 3.67 -15.68 -4.97
CA ALA B 90 5.08 -15.84 -5.31
C ALA B 90 5.14 -17.20 -5.97
N PRO B 91 5.16 -17.22 -7.32
CA PRO B 91 5.09 -18.50 -8.03
C PRO B 91 6.22 -19.49 -7.76
N LEU B 92 7.44 -18.95 -7.57
CA LEU B 92 8.64 -19.75 -7.41
C LEU B 92 8.94 -20.29 -6.00
N GLY B 93 7.98 -20.20 -5.06
CA GLY B 93 8.14 -20.76 -3.71
C GLY B 93 9.15 -20.07 -2.79
N THR B 94 9.63 -20.81 -1.74
CA THR B 94 10.58 -20.27 -0.75
C THR B 94 12.02 -20.33 -1.20
N VAL B 95 12.85 -19.40 -0.70
CA VAL B 95 14.28 -19.39 -0.97
C VAL B 95 14.88 -20.60 -0.26
N TYR B 96 14.26 -21.02 0.85
CA TYR B 96 14.72 -22.19 1.58
C TYR B 96 14.74 -23.45 0.70
N ARG B 97 13.64 -23.80 -0.02
CA ARG B 97 13.61 -25.00 -0.89
C ARG B 97 14.64 -24.92 -1.99
N GLU B 98 14.80 -23.72 -2.56
CA GLU B 98 15.77 -23.38 -3.59
C GLU B 98 17.22 -23.47 -3.02
N LEU B 99 17.42 -23.33 -1.70
CA LEU B 99 18.73 -23.51 -1.10
C LEU B 99 18.92 -24.99 -0.76
N GLN B 100 17.83 -25.76 -0.49
CA GLN B 100 17.91 -27.21 -0.21
C GLN B 100 18.30 -28.00 -1.46
N LYS B 101 17.63 -27.69 -2.59
CA LYS B 101 17.85 -28.28 -3.92
C LYS B 101 19.31 -28.08 -4.35
N LEU B 102 19.70 -26.81 -4.47
CA LEU B 102 21.03 -26.39 -4.90
C LEU B 102 22.12 -26.57 -3.88
N SER B 103 21.78 -26.72 -2.59
CA SER B 103 22.65 -26.85 -1.41
C SER B 103 23.35 -25.54 -1.03
N LYS B 104 23.75 -24.73 -2.03
CA LYS B 104 24.35 -23.42 -1.81
C LYS B 104 24.12 -22.55 -3.05
N PHE B 105 24.17 -21.20 -2.91
CA PHE B 105 23.98 -20.27 -4.04
C PHE B 105 25.28 -19.65 -4.53
N ASP B 106 25.32 -19.38 -5.84
CA ASP B 106 26.50 -18.77 -6.43
C ASP B 106 26.60 -17.32 -6.00
N GLU B 107 27.74 -16.66 -6.25
CA GLU B 107 27.96 -15.26 -5.89
C GLU B 107 27.05 -14.24 -6.60
N GLN B 108 26.53 -14.55 -7.81
CA GLN B 108 25.62 -13.64 -8.51
C GLN B 108 24.23 -13.65 -7.85
N ARG B 109 23.69 -14.87 -7.62
CA ARG B 109 22.38 -15.07 -7.00
C ARG B 109 22.36 -14.48 -5.60
N THR B 110 23.42 -14.73 -4.82
CA THR B 110 23.54 -14.26 -3.45
C THR B 110 23.58 -12.74 -3.41
N ALA B 111 24.51 -12.11 -4.16
CA ALA B 111 24.62 -10.65 -4.13
C ALA B 111 23.32 -9.95 -4.56
N THR B 112 22.57 -10.58 -5.51
CA THR B 112 21.28 -10.06 -5.98
C THR B 112 20.26 -10.12 -4.84
N TYR B 113 20.11 -11.30 -4.20
CA TYR B 113 19.21 -11.52 -3.07
C TYR B 113 19.48 -10.54 -1.92
N ILE B 114 20.77 -10.33 -1.60
CA ILE B 114 21.23 -9.40 -0.57
C ILE B 114 20.86 -7.98 -0.95
N THR B 115 20.96 -7.62 -2.25
CA THR B 115 20.58 -6.29 -2.74
C THR B 115 19.07 -6.10 -2.53
N GLU B 116 18.29 -7.11 -2.92
CA GLU B 116 16.86 -7.15 -2.74
C GLU B 116 16.53 -6.91 -1.27
N LEU B 117 17.04 -7.74 -0.35
CA LEU B 117 16.84 -7.58 1.11
C LEU B 117 17.35 -6.25 1.66
N ALA B 118 18.50 -5.75 1.25
CA ALA B 118 19.02 -4.48 1.77
C ALA B 118 18.08 -3.34 1.42
N ASN B 119 17.53 -3.35 0.20
CA ASN B 119 16.57 -2.34 -0.25
C ASN B 119 15.29 -2.46 0.57
N ALA B 120 14.76 -3.69 0.70
CA ALA B 120 13.55 -3.97 1.47
C ALA B 120 13.72 -3.53 2.91
N LEU B 121 14.87 -3.88 3.53
CA LEU B 121 15.20 -3.54 4.91
C LEU B 121 15.37 -2.06 5.07
N SER B 122 15.99 -1.38 4.09
CA SER B 122 16.18 0.06 4.14
C SER B 122 14.84 0.78 4.11
N TYR B 123 13.90 0.25 3.31
CA TYR B 123 12.55 0.78 3.22
C TYR B 123 11.85 0.53 4.57
N CYS B 124 11.93 -0.69 5.11
CA CYS B 124 11.34 -1.07 6.39
C CYS B 124 11.78 -0.11 7.48
N HIS B 125 13.09 0.15 7.53
CA HIS B 125 13.70 1.02 8.52
C HIS B 125 13.17 2.41 8.44
N SER B 126 13.03 2.95 7.21
CA SER B 126 12.44 4.28 6.94
C SER B 126 11.01 4.36 7.50
N LYS B 127 10.33 3.21 7.62
CA LYS B 127 8.97 3.10 8.13
C LYS B 127 8.91 2.53 9.57
N ARG B 128 10.06 2.60 10.27
CA ARG B 128 10.21 2.17 11.65
C ARG B 128 9.83 0.70 11.85
N VAL B 129 10.16 -0.14 10.87
CA VAL B 129 9.90 -1.57 10.95
C VAL B 129 11.26 -2.22 11.04
N ILE B 130 11.55 -2.81 12.21
CA ILE B 130 12.83 -3.45 12.45
C ILE B 130 12.66 -4.88 12.94
N HIS B 131 13.81 -5.57 13.02
CA HIS B 131 13.95 -6.93 13.49
C HIS B 131 12.96 -7.89 12.79
N ARG B 132 13.07 -7.96 11.45
CA ARG B 132 12.30 -8.89 10.65
C ARG B 132 13.15 -10.15 10.50
N ASP B 133 12.46 -11.30 10.59
CA ASP B 133 13.01 -12.66 10.50
C ASP B 133 13.17 -13.00 9.04
N ILE B 134 14.37 -12.68 8.52
CA ILE B 134 14.73 -12.90 7.12
C ILE B 134 15.40 -14.25 6.86
N LYS B 135 15.09 -15.28 7.68
CA LYS B 135 15.64 -16.61 7.44
C LYS B 135 15.09 -17.14 6.11
N PRO B 136 15.84 -18.03 5.41
CA PRO B 136 15.39 -18.50 4.08
C PRO B 136 13.96 -19.00 3.97
N GLU B 137 13.45 -19.64 5.02
CA GLU B 137 12.07 -20.14 5.05
C GLU B 137 11.03 -19.05 5.04
N ASN B 138 11.41 -17.79 5.37
CA ASN B 138 10.56 -16.58 5.39
C ASN B 138 10.82 -15.68 4.18
N LEU B 139 11.48 -16.22 3.16
CA LEU B 139 11.75 -15.49 1.94
C LEU B 139 11.08 -16.22 0.76
N LEU B 140 10.25 -15.49 -0.03
CA LEU B 140 9.54 -16.04 -1.19
C LEU B 140 10.11 -15.50 -2.48
N LEU B 141 9.73 -16.13 -3.61
CA LEU B 141 10.26 -15.75 -4.91
C LEU B 141 9.18 -15.44 -5.95
N GLY B 142 9.32 -14.28 -6.59
CA GLY B 142 8.42 -13.85 -7.64
C GLY B 142 8.67 -14.59 -8.93
N SER B 143 7.89 -14.28 -9.99
CA SER B 143 7.99 -14.92 -11.31
C SER B 143 9.40 -14.82 -11.93
N ALA B 144 10.07 -13.68 -11.73
CA ALA B 144 11.41 -13.42 -12.23
C ALA B 144 12.51 -13.80 -11.21
N GLY B 145 12.13 -14.57 -10.19
CA GLY B 145 13.02 -15.01 -9.12
C GLY B 145 13.40 -13.92 -8.14
N GLU B 146 12.64 -12.80 -8.14
CA GLU B 146 12.86 -11.67 -7.23
C GLU B 146 12.43 -12.07 -5.83
N LEU B 147 13.25 -11.69 -4.86
CA LEU B 147 13.03 -12.04 -3.46
C LEU B 147 11.90 -11.21 -2.85
N LYS B 148 11.11 -11.85 -1.98
CA LYS B 148 10.02 -11.19 -1.29
C LYS B 148 10.07 -11.57 0.19
N ILE B 149 10.26 -10.58 1.10
CA ILE B 149 10.23 -10.84 2.54
C ILE B 149 8.81 -11.26 2.92
N ALA B 150 8.64 -12.39 3.58
CA ALA B 150 7.31 -12.80 3.95
C ALA B 150 7.22 -13.17 5.42
N ASP B 151 7.92 -12.39 6.29
CA ASP B 151 7.95 -12.53 7.75
C ASP B 151 6.56 -12.70 8.41
N PHE B 152 5.57 -11.92 7.98
CA PHE B 152 4.16 -11.82 8.39
C PHE B 152 3.35 -13.12 8.65
N GLY B 153 2.55 -13.10 9.69
CA GLY B 153 1.74 -14.25 10.11
C GLY B 153 2.44 -15.01 11.23
N TRP B 154 1.94 -16.22 11.56
CA TRP B 154 2.52 -17.11 12.58
C TRP B 154 2.48 -18.57 12.15
N ARG B 162 13.33 -25.64 12.69
CA ARG B 162 14.49 -24.82 13.09
C ARG B 162 14.56 -24.53 14.62
N ARG B 163 15.75 -24.06 15.13
CA ARG B 163 16.02 -23.78 16.55
C ARG B 163 15.65 -22.35 16.97
N THR B 164 14.74 -22.26 17.97
CA THR B 164 14.20 -21.00 18.49
C THR B 164 14.18 -20.84 20.02
N THR B 165 14.61 -19.62 20.49
CA THR B 165 14.57 -19.10 21.87
C THR B 165 13.31 -18.19 22.01
N LEU B 166 13.18 -17.46 23.14
CA LEU B 166 12.10 -16.49 23.31
C LEU B 166 12.49 -15.29 22.49
N CYS B 167 13.80 -15.02 22.37
CA CYS B 167 14.30 -13.93 21.56
C CYS B 167 14.03 -14.09 20.06
N GLY B 168 13.97 -15.33 19.58
CA GLY B 168 13.73 -15.61 18.17
C GLY B 168 14.47 -16.81 17.61
N THR B 169 14.83 -16.73 16.31
CA THR B 169 15.54 -17.80 15.59
C THR B 169 16.99 -17.77 16.01
N LEU B 170 17.35 -18.78 16.82
CA LEU B 170 18.64 -18.88 17.48
C LEU B 170 19.86 -18.67 16.54
N ASP B 171 19.91 -19.37 15.39
CA ASP B 171 21.05 -19.26 14.47
C ASP B 171 21.23 -17.87 13.90
N TYR B 172 20.22 -17.04 14.08
CA TYR B 172 20.14 -15.69 13.55
C TYR B 172 20.18 -14.57 14.58
N LEU B 173 20.11 -14.91 15.88
CA LEU B 173 20.14 -13.90 16.94
C LEU B 173 21.50 -13.21 17.05
N PRO B 174 21.51 -11.87 17.19
CA PRO B 174 22.79 -11.15 17.32
C PRO B 174 23.32 -11.22 18.76
N PRO B 175 24.62 -10.86 18.98
CA PRO B 175 25.19 -10.89 20.34
C PRO B 175 24.38 -10.09 21.35
N GLU B 176 24.06 -8.80 21.00
CA GLU B 176 23.30 -7.89 21.84
C GLU B 176 22.02 -8.49 22.39
N MET B 177 21.27 -9.24 21.57
CA MET B 177 20.04 -9.86 22.01
C MET B 177 20.27 -10.99 22.98
N ILE B 178 21.12 -11.98 22.58
CA ILE B 178 21.45 -13.17 23.40
C ILE B 178 22.05 -12.75 24.75
N GLU B 179 22.80 -11.64 24.74
CA GLU B 179 23.45 -11.10 25.93
C GLU B 179 22.53 -10.21 26.77
N GLY B 180 21.25 -10.16 26.41
CA GLY B 180 20.26 -9.34 27.11
C GLY B 180 20.41 -7.83 27.00
N ARG B 181 21.42 -7.34 26.27
CA ARG B 181 21.68 -5.92 26.08
C ARG B 181 20.64 -5.19 25.18
N MET B 182 20.88 -3.89 24.94
CA MET B 182 20.03 -3.03 24.12
C MET B 182 20.34 -3.26 22.66
N HIS B 183 19.28 -3.23 21.82
CA HIS B 183 19.37 -3.36 20.37
C HIS B 183 18.44 -2.43 19.60
N ASP B 184 18.80 -2.19 18.35
CA ASP B 184 18.08 -1.32 17.44
C ASP B 184 17.94 -2.00 16.05
N GLU B 185 17.88 -1.19 14.99
CA GLU B 185 17.78 -1.67 13.62
C GLU B 185 19.05 -2.42 13.19
N LYS B 186 20.18 -2.22 13.89
CA LYS B 186 21.43 -2.90 13.57
C LYS B 186 21.34 -4.41 13.68
N VAL B 187 20.27 -4.93 14.34
CA VAL B 187 20.04 -6.38 14.46
C VAL B 187 19.76 -6.97 13.07
N ASP B 188 19.19 -6.15 12.18
CA ASP B 188 18.86 -6.56 10.82
C ASP B 188 20.12 -6.67 9.97
N LEU B 189 21.15 -5.87 10.28
CA LEU B 189 22.43 -5.96 9.55
C LEU B 189 23.15 -7.23 9.93
N TRP B 190 23.06 -7.63 11.21
CA TRP B 190 23.64 -8.88 11.66
C TRP B 190 22.95 -10.02 10.93
N SER B 191 21.60 -10.00 10.87
CA SER B 191 20.77 -11.01 10.19
C SER B 191 21.19 -11.17 8.73
N LEU B 192 21.48 -10.03 8.07
CA LEU B 192 21.90 -9.95 6.67
C LEU B 192 23.24 -10.69 6.49
N GLY B 193 24.18 -10.50 7.42
CA GLY B 193 25.46 -11.19 7.41
C GLY B 193 25.31 -12.69 7.56
N VAL B 194 24.49 -13.11 8.53
CA VAL B 194 24.18 -14.51 8.77
C VAL B 194 23.61 -15.13 7.48
N LEU B 195 22.57 -14.47 6.86
CA LEU B 195 21.89 -14.89 5.62
C LEU B 195 22.85 -14.95 4.46
N CYS B 196 23.65 -13.90 4.26
CA CYS B 196 24.64 -13.91 3.19
C CYS B 196 25.56 -15.11 3.27
N TYR B 197 26.03 -15.44 4.48
CA TYR B 197 26.87 -16.60 4.73
C TYR B 197 26.10 -17.85 4.41
N GLU B 198 24.88 -18.01 4.94
CA GLU B 198 24.04 -19.19 4.69
C GLU B 198 23.76 -19.37 3.20
N PHE B 199 23.54 -18.29 2.46
CA PHE B 199 23.32 -18.39 1.01
C PHE B 199 24.53 -18.98 0.31
N LEU B 200 25.72 -18.42 0.60
CA LEU B 200 26.98 -18.85 -0.01
C LEU B 200 27.47 -20.23 0.44
N VAL B 201 27.23 -20.59 1.71
CA VAL B 201 27.72 -21.84 2.31
C VAL B 201 26.68 -22.98 2.33
N GLY B 202 25.45 -22.65 2.64
CA GLY B 202 24.38 -23.64 2.72
C GLY B 202 23.89 -23.82 4.13
N LYS B 203 24.67 -23.29 5.10
CA LYS B 203 24.33 -23.36 6.53
C LYS B 203 24.72 -22.05 7.25
N PRO B 204 24.01 -21.68 8.34
CA PRO B 204 24.38 -20.46 9.08
C PRO B 204 25.75 -20.58 9.76
N PRO B 205 26.45 -19.44 10.03
CA PRO B 205 27.81 -19.51 10.59
C PRO B 205 27.99 -19.95 12.04
N PHE B 206 26.93 -19.89 12.85
CA PHE B 206 26.99 -20.22 14.27
C PHE B 206 26.23 -21.47 14.65
N GLU B 207 26.06 -22.38 13.68
CA GLU B 207 25.38 -23.63 13.94
C GLU B 207 26.27 -24.52 14.84
N ALA B 208 25.65 -25.13 15.86
CA ALA B 208 26.34 -26.01 16.78
C ALA B 208 25.39 -27.12 17.29
N ASN B 209 25.93 -28.07 18.04
CA ASN B 209 25.20 -29.25 18.54
C ASN B 209 24.13 -28.91 19.56
N THR B 210 24.45 -27.95 20.46
CA THR B 210 23.60 -27.52 21.57
C THR B 210 23.26 -26.02 21.47
N TYR B 211 22.22 -25.59 22.22
CA TYR B 211 21.81 -24.18 22.30
C TYR B 211 23.00 -23.39 22.88
N GLN B 212 23.59 -23.89 23.97
CA GLN B 212 24.69 -23.24 24.68
C GLN B 212 25.94 -23.00 23.84
N GLU B 213 26.24 -23.94 22.95
CA GLU B 213 27.41 -23.81 22.11
C GLU B 213 27.19 -22.69 21.12
N THR B 214 25.98 -22.65 20.52
CA THR B 214 25.58 -21.63 19.56
C THR B 214 25.72 -20.24 20.23
N TYR B 215 25.17 -20.12 21.46
CA TYR B 215 25.24 -18.88 22.24
C TYR B 215 26.68 -18.38 22.40
N LYS B 216 27.59 -19.27 22.83
CA LYS B 216 29.00 -18.96 23.04
C LYS B 216 29.66 -18.53 21.71
N ARG B 217 29.31 -19.25 20.62
CA ARG B 217 29.89 -18.96 19.32
C ARG B 217 29.51 -17.55 18.91
N ILE B 218 28.18 -17.20 19.01
CA ILE B 218 27.62 -15.89 18.64
C ILE B 218 28.27 -14.81 19.45
N SER B 219 28.24 -14.97 20.79
CA SER B 219 28.80 -14.04 21.75
C SER B 219 30.25 -13.69 21.43
N ARG B 220 31.07 -14.71 21.14
CA ARG B 220 32.49 -14.47 20.83
C ARG B 220 32.74 -14.21 19.34
N VAL B 221 31.68 -14.36 18.49
CA VAL B 221 31.72 -14.18 17.02
C VAL B 221 32.75 -15.20 16.46
N GLU B 222 32.58 -16.46 16.86
CA GLU B 222 33.43 -17.57 16.46
C GLU B 222 32.81 -18.34 15.28
N PHE B 223 33.34 -18.14 14.07
CA PHE B 223 32.89 -18.84 12.87
C PHE B 223 34.05 -18.89 11.87
N THR B 224 33.98 -19.85 10.92
CA THR B 224 35.02 -19.97 9.89
C THR B 224 34.42 -19.97 8.49
N PHE B 225 35.26 -19.66 7.50
CA PHE B 225 34.86 -19.63 6.11
C PHE B 225 35.40 -20.84 5.34
N PRO B 226 34.53 -21.53 4.55
CA PRO B 226 35.04 -22.60 3.68
C PRO B 226 35.93 -21.96 2.61
N ASP B 227 36.85 -22.75 2.06
CA ASP B 227 37.86 -22.27 1.13
C ASP B 227 37.30 -21.52 -0.08
N PHE B 228 36.15 -21.98 -0.61
CA PHE B 228 35.50 -21.39 -1.79
C PHE B 228 34.98 -19.96 -1.63
N VAL B 229 34.67 -19.52 -0.38
CA VAL B 229 34.16 -18.17 -0.10
C VAL B 229 35.24 -17.17 -0.43
N THR B 230 34.95 -16.29 -1.41
CA THR B 230 35.90 -15.31 -1.92
C THR B 230 36.19 -14.17 -0.96
N GLU B 231 37.26 -13.44 -1.26
CA GLU B 231 37.77 -12.28 -0.53
C GLU B 231 36.68 -11.21 -0.30
N GLY B 232 35.97 -10.84 -1.37
CA GLY B 232 34.89 -9.86 -1.33
C GLY B 232 33.75 -10.25 -0.42
N ALA B 233 33.31 -11.52 -0.51
CA ALA B 233 32.23 -12.05 0.30
C ALA B 233 32.63 -12.07 1.78
N ARG B 234 33.88 -12.48 2.08
CA ARG B 234 34.43 -12.52 3.43
C ARG B 234 34.45 -11.13 4.03
N ASP B 235 34.88 -10.14 3.24
CA ASP B 235 34.93 -8.75 3.71
C ASP B 235 33.55 -8.28 4.15
N LEU B 236 32.53 -8.50 3.29
CA LEU B 236 31.15 -8.12 3.59
C LEU B 236 30.61 -8.82 4.83
N ILE B 237 30.65 -10.16 4.85
CA ILE B 237 30.15 -10.95 5.98
C ILE B 237 30.82 -10.53 7.28
N SER B 238 32.14 -10.38 7.26
CA SER B 238 32.91 -9.99 8.44
C SER B 238 32.51 -8.59 9.00
N ARG B 239 32.21 -7.63 8.09
CA ARG B 239 31.75 -6.28 8.46
C ARG B 239 30.34 -6.29 9.07
N LEU B 240 29.46 -7.16 8.54
CA LEU B 240 28.07 -7.30 9.00
C LEU B 240 28.01 -8.03 10.32
N LEU B 241 28.91 -9.01 10.52
CA LEU B 241 28.94 -9.79 11.75
C LEU B 241 29.91 -9.25 12.78
N LYS B 242 29.86 -7.91 12.99
CA LYS B 242 30.68 -7.22 13.98
C LYS B 242 29.94 -7.30 15.32
N HIS B 243 30.66 -7.59 16.41
CA HIS B 243 30.03 -7.71 17.73
C HIS B 243 29.39 -6.39 18.15
N ASN B 244 30.11 -5.28 17.89
CA ASN B 244 29.62 -3.95 18.21
C ASN B 244 28.68 -3.48 17.10
N PRO B 245 27.38 -3.31 17.43
CA PRO B 245 26.39 -2.90 16.43
C PRO B 245 26.74 -1.64 15.64
N SER B 246 27.40 -0.68 16.30
CA SER B 246 27.77 0.56 15.65
C SER B 246 28.85 0.40 14.58
N GLN B 247 29.57 -0.74 14.60
CA GLN B 247 30.63 -1.06 13.63
C GLN B 247 30.08 -1.74 12.39
N ARG B 248 28.79 -2.14 12.44
CA ARG B 248 28.15 -2.78 11.29
C ARG B 248 27.83 -1.70 10.28
N PRO B 249 28.02 -1.97 8.97
CA PRO B 249 27.78 -0.91 7.99
C PRO B 249 26.31 -0.52 7.89
N MET B 250 26.02 0.63 7.28
CA MET B 250 24.64 1.07 7.04
C MET B 250 24.17 0.32 5.80
N LEU B 251 22.85 0.20 5.62
CA LEU B 251 22.33 -0.52 4.47
C LEU B 251 22.82 0.05 3.14
N ARG B 252 23.00 1.40 3.07
CA ARG B 252 23.55 2.03 1.85
C ARG B 252 25.00 1.62 1.64
N GLU B 253 25.74 1.36 2.73
CA GLU B 253 27.13 0.93 2.61
C GLU B 253 27.18 -0.53 2.11
N VAL B 254 26.12 -1.32 2.38
CA VAL B 254 26.01 -2.70 1.90
C VAL B 254 25.81 -2.68 0.41
N LEU B 255 24.85 -1.89 -0.07
CA LEU B 255 24.56 -1.83 -1.51
C LEU B 255 25.72 -1.19 -2.32
N GLU B 256 26.59 -0.37 -1.65
CA GLU B 256 27.77 0.26 -2.26
C GLU B 256 29.03 -0.63 -2.19
N HIS B 257 29.02 -1.64 -1.33
CA HIS B 257 30.15 -2.56 -1.17
C HIS B 257 30.54 -3.16 -2.54
N PRO B 258 31.86 -3.14 -2.85
CA PRO B 258 32.35 -3.61 -4.16
C PRO B 258 32.01 -5.05 -4.55
N TRP B 259 31.83 -5.96 -3.56
CA TRP B 259 31.46 -7.35 -3.87
C TRP B 259 30.03 -7.40 -4.37
N ILE B 260 29.17 -6.52 -3.81
CA ILE B 260 27.76 -6.41 -4.18
C ILE B 260 27.66 -5.79 -5.56
N THR B 261 28.36 -4.66 -5.80
CA THR B 261 28.31 -3.97 -7.10
C THR B 261 28.85 -4.84 -8.24
N ALA B 262 29.79 -5.74 -7.92
CA ALA B 262 30.39 -6.65 -8.88
C ALA B 262 29.52 -7.84 -9.21
N ASN B 263 28.79 -8.38 -8.23
CA ASN B 263 28.03 -9.60 -8.44
C ASN B 263 26.50 -9.47 -8.55
N SER B 264 25.90 -8.39 -8.03
CA SER B 264 24.45 -8.21 -8.11
C SER B 264 23.99 -7.90 -9.53
N SER B 265 22.96 -8.62 -9.97
CA SER B 265 22.32 -8.44 -11.26
C SER B 265 21.18 -7.35 -11.20
N LYS B 266 20.80 -6.83 -9.98
CA LYS B 266 19.73 -5.84 -9.78
C LYS B 266 20.22 -4.41 -9.53
C1 QMN C . -23.14 11.06 0.55
N2 QMN C . -24.82 12.39 -1.37
C3 QMN C . -24.12 13.17 -0.48
C4 QMN C . -23.34 12.56 0.54
C5 QMN C . -22.81 13.60 1.29
N6 QMN C . -23.24 14.77 0.76
C7 QMN C . -24.06 14.52 -0.32
C8 QMN C . -23.97 10.34 -0.51
C9 QMN C . -24.81 11.02 -1.35
C10 QMN C . -25.68 10.35 -2.37
C11 QMN C . -25.27 8.93 -2.74
C12 QMN C . -24.77 8.13 -1.55
C13 QMN C . -23.85 8.88 -0.64
O14 QMN C . -23.04 8.26 0.03
C15 QMN C . -24.67 15.63 -1.05
O16 QMN C . -24.44 16.80 -0.78
O17 QMN C . -25.46 15.19 -2.05
C18 QMN C . -26.23 16.18 -2.80
C19 QMN C . -25.54 16.50 -4.05
C20 QMN C . -21.65 10.71 0.49
C21 QMN C . -20.87 10.82 1.63
C22 QMN C . -19.50 11.04 1.53
C23 QMN C . -18.88 11.07 0.29
C24 QMN C . -19.63 10.84 -0.84
C25 QMN C . -21.00 10.65 -0.74
C26 QMN C . -17.78 7.12 6.59
C27 QMN C . -18.63 6.38 5.76
C28 QMN C . -19.23 6.97 4.65
C29 QMN C . -17.52 8.47 6.34
C30 QMN C . -18.09 9.06 5.22
C31 QMN C . -18.93 8.31 4.39
N32 QMN C . -19.25 9.13 3.32
C33 QMN C . -18.59 10.30 3.56
N34 QMN C . -17.89 10.32 4.67
O35 QMN C . -18.71 11.33 2.67
C1 QMN D . 1.08 -17.53 2.50
N2 QMN D . 1.68 -19.58 0.57
C3 QMN D . 1.66 -18.27 0.14
C4 QMN D . 1.29 -17.21 1.03
C5 QMN D . 1.32 -16.05 0.29
N6 QMN D . 1.71 -16.37 -0.98
C7 QMN D . 1.94 -17.71 -1.08
C8 QMN D . 1.21 -19.01 2.84
C9 QMN D . 1.44 -19.94 1.88
C10 QMN D . 1.51 -21.41 2.16
C11 QMN D . 1.67 -21.78 3.64
C12 QMN D . 0.83 -20.86 4.52
C13 QMN D . 1.10 -19.42 4.23
O14 QMN D . 1.29 -18.64 5.15
C15 QMN D . 2.60 -18.28 -2.28
O16 QMN D . 3.10 -17.61 -3.16
O17 QMN D . 2.70 -19.61 -2.23
C18 QMN D . 3.33 -20.28 -3.36
C19 QMN D . 4.55 -20.92 -2.85
C20 QMN D . 1.98 -16.65 3.39
C21 QMN D . 1.47 -15.49 3.94
C22 QMN D . 2.31 -14.58 4.57
C23 QMN D . 3.67 -14.86 4.71
C24 QMN D . 4.17 -16.05 4.19
C25 QMN D . 3.33 -16.94 3.52
C26 QMN D . -2.10 -13.41 9.24
C27 QMN D . -1.91 -12.02 9.19
C28 QMN D . -1.12 -11.45 8.20
C29 QMN D . -1.51 -14.25 8.32
C30 QMN D . -0.68 -13.69 7.35
C31 QMN D . -0.50 -12.30 7.30
N32 QMN D . 0.46 -12.08 6.33
C33 QMN D . 0.82 -13.29 5.89
N34 QMN D . 0.17 -14.30 6.43
O35 QMN D . 1.85 -13.33 5.02
#